data_4BAL
#
_entry.id   4BAL
#
_cell.length_a   57.988
_cell.length_b   57.988
_cell.length_c   150.184
_cell.angle_alpha   90.00
_cell.angle_beta   90.00
_cell.angle_gamma   90.00
#
_symmetry.space_group_name_H-M   'P 41 21 2'
#
loop_
_entity.id
_entity.type
_entity.pdbx_description
1 polymer THAUMATIN-1
2 non-polymer '4-(4-(hydroxymethyl)-1h-1,2,3-triazol-1-yl)pyridine-2,6-dicarboxylic acid'
3 non-polymer 'EUROPIUM (III) ION'
4 water water
#
_entity_poly.entity_id   1
_entity_poly.type   'polypeptide(L)'
_entity_poly.pdbx_seq_one_letter_code
;ATFEIVNRCSYTVWAAASKGDAALDAGGRQLNSGESWTINVEPGTNGGKIWARTDCYFDDSGSGICKTGDCGGLLRCKRF
GRPPTTLAEFSLNQYGKDYIDISNIKGFNVPMNFSPTTRGCRGVRCAADIVGQCPAKLKAPGGGCNDACTVFQTSEYCCT
TGKCGPTEYSRFFKRLCPDAFSYVLDKPTTVTCPGSSNYRVTFCPTA
;
_entity_poly.pdbx_strand_id   A
#
loop_
_chem_comp.id
_chem_comp.type
_chem_comp.name
_chem_comp.formula
EU3 non-polymer 'EUROPIUM (III) ION' 'Eu 3'
HM6 non-polymer '4-(4-(hydroxymethyl)-1h-1,2,3-triazol-1-yl)pyridine-2,6-dicarboxylic acid' 'C10 H8 N4 O5'
#
# COMPACT_ATOMS: atom_id res chain seq x y z
N ALA A 1 2.52 6.18 -17.31
CA ALA A 1 3.09 6.89 -16.15
C ALA A 1 4.22 6.09 -15.54
N THR A 2 5.26 6.77 -15.07
CA THR A 2 6.33 6.04 -14.39
C THR A 2 6.16 6.14 -12.89
N PHE A 3 6.40 5.00 -12.24
CA PHE A 3 6.44 4.92 -10.77
C PHE A 3 7.81 4.38 -10.40
N GLU A 4 8.63 5.22 -9.78
CA GLU A 4 9.92 4.76 -9.30
C GLU A 4 9.70 4.22 -7.89
N ILE A 5 9.95 2.94 -7.67
CA ILE A 5 9.73 2.30 -6.37
C ILE A 5 11.09 2.10 -5.72
N VAL A 6 11.30 2.71 -4.57
CA VAL A 6 12.60 2.77 -3.92
C VAL A 6 12.54 2.16 -2.54
N ASN A 7 13.43 1.21 -2.25
CA ASN A 7 13.45 0.59 -0.94
C ASN A 7 14.54 1.24 -0.08
N ARG A 8 14.17 2.13 0.82
CA ARG A 8 15.12 2.73 1.75
C ARG A 8 15.17 1.94 3.08
N CYS A 9 14.38 0.87 3.19
CA CYS A 9 14.47 0.04 4.40
C CYS A 9 15.82 -0.66 4.50
N SER A 10 16.19 -1.05 5.71
CA SER A 10 17.43 -1.80 5.90
C SER A 10 17.29 -3.28 5.54
N TYR A 11 16.06 -3.72 5.28
CA TYR A 11 15.74 -5.08 4.91
C TYR A 11 15.22 -5.14 3.47
N THR A 12 15.34 -6.30 2.85
CA THR A 12 14.79 -6.54 1.53
C THR A 12 13.26 -6.48 1.57
N VAL A 13 12.65 -5.91 0.52
CA VAL A 13 11.20 -6.06 0.34
C VAL A 13 10.98 -6.57 -1.08
N TRP A 14 9.81 -7.15 -1.30
CA TRP A 14 9.40 -7.56 -2.63
C TRP A 14 8.24 -6.66 -3.02
N ALA A 15 8.53 -5.67 -3.86
CA ALA A 15 7.50 -4.73 -4.28
C ALA A 15 6.43 -5.45 -5.08
N ALA A 16 5.20 -4.93 -5.02
CA ALA A 16 4.09 -5.50 -5.78
C ALA A 16 3.28 -4.37 -6.37
N ALA A 17 2.69 -4.59 -7.54
CA ALA A 17 1.90 -3.56 -8.21
C ALA A 17 0.79 -4.27 -9.00
N SER A 18 -0.46 -3.94 -8.69
CA SER A 18 -1.61 -4.64 -9.27
C SER A 18 -2.80 -3.71 -9.30
N LYS A 19 -3.74 -3.98 -10.18
CA LYS A 19 -5.04 -3.32 -10.10
C LYS A 19 -6.14 -4.33 -9.74
N GLY A 20 -5.75 -5.48 -9.18
CA GLY A 20 -6.69 -6.41 -8.58
C GLY A 20 -7.08 -7.54 -9.49
N ASP A 21 -7.18 -7.26 -10.79
CA ASP A 21 -7.49 -8.28 -11.78
C ASP A 21 -6.39 -8.40 -12.82
N ALA A 22 -5.27 -7.72 -12.60
CA ALA A 22 -4.12 -7.77 -13.50
C ALA A 22 -2.91 -7.15 -12.81
N ALA A 23 -1.72 -7.61 -13.21
CA ALA A 23 -0.46 -6.97 -12.82
C ALA A 23 -0.37 -5.58 -13.45
N LEU A 24 0.31 -4.68 -12.77
CA LEU A 24 0.82 -3.47 -13.39
C LEU A 24 2.29 -3.73 -13.70
N ASP A 25 2.69 -3.49 -14.96
CA ASP A 25 4.06 -3.80 -15.39
C ASP A 25 4.28 -5.27 -15.07
N ALA A 26 5.44 -5.65 -14.54
CA ALA A 26 5.72 -7.05 -14.24
C ALA A 26 4.97 -7.56 -13.01
N GLY A 27 4.37 -6.66 -12.23
CA GLY A 27 3.59 -7.05 -11.06
C GLY A 27 4.36 -7.21 -9.75
N GLY A 28 5.66 -7.48 -9.81
CA GLY A 28 6.44 -7.58 -8.58
C GLY A 28 7.89 -7.81 -8.87
N ARG A 29 8.74 -7.48 -7.89
CA ARG A 29 10.19 -7.66 -8.03
C ARG A 29 10.82 -7.54 -6.67
N GLN A 30 11.95 -8.23 -6.49
CA GLN A 30 12.76 -8.06 -5.29
C GLN A 30 13.46 -6.70 -5.30
N LEU A 31 13.46 -6.01 -4.15
CA LEU A 31 14.23 -4.78 -3.98
C LEU A 31 15.07 -4.93 -2.72
N ASN A 32 16.38 -5.12 -2.89
CA ASN A 32 17.26 -5.11 -1.74
C ASN A 32 17.34 -3.69 -1.18
N SER A 33 17.89 -3.57 0.03
CA SER A 33 18.03 -2.27 0.67
C SER A 33 18.78 -1.30 -0.23
N GLY A 34 18.13 -0.19 -0.56
CA GLY A 34 18.67 0.86 -1.41
C GLY A 34 18.31 0.76 -2.88
N GLU A 35 17.79 -0.37 -3.34
CA GLU A 35 17.48 -0.57 -4.75
C GLU A 35 16.23 0.22 -5.19
N SER A 36 16.21 0.56 -6.47
CA SER A 36 15.12 1.27 -7.13
C SER A 36 14.67 0.49 -8.34
N TRP A 37 13.35 0.38 -8.52
CA TRP A 37 12.73 -0.31 -9.63
C TRP A 37 11.70 0.61 -10.24
N THR A 38 11.83 0.97 -11.50
CA THR A 38 10.87 1.87 -12.14
C THR A 38 9.94 1.08 -13.04
N ILE A 39 8.65 1.23 -12.78
CA ILE A 39 7.63 0.57 -13.59
C ILE A 39 6.84 1.57 -14.41
N ASN A 40 6.20 1.05 -15.44
CA ASN A 40 5.29 1.82 -16.26
C ASN A 40 3.88 1.35 -16.03
N VAL A 41 3.02 2.29 -15.67
CA VAL A 41 1.62 1.99 -15.42
C VAL A 41 0.81 2.65 -16.54
N GLU A 42 -0.11 1.89 -17.13
CA GLU A 42 -0.86 2.44 -18.27
C GLU A 42 -1.73 3.62 -17.86
N PRO A 43 -1.77 4.67 -18.68
CA PRO A 43 -2.72 5.76 -18.42
C PRO A 43 -4.13 5.21 -18.29
N GLY A 44 -4.91 5.85 -17.43
CA GLY A 44 -6.29 5.45 -17.21
C GLY A 44 -6.43 4.33 -16.18
N THR A 45 -5.32 3.83 -15.63
CA THR A 45 -5.41 2.78 -14.62
C THR A 45 -6.25 3.25 -13.43
N ASN A 46 -7.31 2.52 -13.13
CA ASN A 46 -8.22 2.86 -12.05
C ASN A 46 -8.06 1.84 -10.93
N GLY A 47 -7.91 2.30 -9.69
CA GLY A 47 -7.82 1.36 -8.57
C GLY A 47 -6.53 0.57 -8.55
N GLY A 48 -5.43 1.20 -8.94
CA GLY A 48 -4.12 0.56 -8.82
C GLY A 48 -3.59 0.64 -7.40
N LYS A 49 -2.75 -0.33 -7.04
CA LYS A 49 -2.10 -0.33 -5.74
C LYS A 49 -0.66 -0.79 -5.86
N ILE A 50 0.20 -0.19 -5.04
CA ILE A 50 1.58 -0.65 -4.88
C ILE A 50 1.79 -0.91 -3.39
N TRP A 51 2.48 -2.00 -3.07
CA TRP A 51 2.79 -2.33 -1.68
C TRP A 51 4.11 -3.07 -1.58
N ALA A 52 4.60 -3.18 -0.36
CA ALA A 52 5.78 -4.00 -0.05
C ALA A 52 5.32 -5.33 0.51
N ARG A 53 6.09 -6.38 0.22
CA ARG A 53 5.93 -7.67 0.85
C ARG A 53 7.21 -7.98 1.59
N THR A 54 7.07 -8.61 2.77
CA THR A 54 8.22 -8.94 3.59
C THR A 54 8.38 -10.44 3.82
N ASP A 55 9.64 -10.85 4.03
CA ASP A 55 9.97 -12.23 4.42
C ASP A 55 9.44 -13.22 3.40
N CYS A 56 9.87 -13.02 2.15
CA CYS A 56 9.41 -13.85 1.04
C CYS A 56 10.42 -14.93 0.67
N TYR A 57 9.90 -16.01 0.11
CA TYR A 57 10.71 -17.02 -0.55
C TYR A 57 10.06 -17.31 -1.89
N PHE A 58 10.83 -17.31 -2.98
CA PHE A 58 10.33 -17.67 -4.30
C PHE A 58 11.26 -18.67 -4.96
N ASP A 59 10.68 -19.67 -5.62
CA ASP A 59 11.48 -20.62 -6.38
C ASP A 59 11.84 -20.04 -7.75
N ASP A 60 12.51 -20.85 -8.57
CA ASP A 60 13.01 -20.36 -9.86
C ASP A 60 11.90 -20.07 -10.88
N SER A 61 10.68 -20.50 -10.57
CA SER A 61 9.54 -20.23 -11.42
C SER A 61 8.74 -19.02 -10.93
N GLY A 62 9.17 -18.44 -9.82
CA GLY A 62 8.47 -17.28 -9.28
C GLY A 62 7.27 -17.62 -8.42
N SER A 63 7.27 -18.81 -7.82
CA SER A 63 6.18 -19.22 -6.94
C SER A 63 6.75 -19.39 -5.54
N GLY A 64 5.99 -18.97 -4.53
CA GLY A 64 6.45 -19.11 -3.17
C GLY A 64 5.48 -18.53 -2.15
N ILE A 65 6.01 -17.78 -1.20
CA ILE A 65 5.21 -17.27 -0.09
C ILE A 65 5.87 -16.00 0.49
N CYS A 66 5.05 -15.08 1.00
CA CYS A 66 5.51 -13.93 1.77
C CYS A 66 4.74 -13.85 3.08
N LYS A 67 5.38 -13.34 4.10
CA LYS A 67 4.69 -13.22 5.38
C LYS A 67 3.72 -12.05 5.47
N THR A 68 3.97 -10.98 4.72
CA THR A 68 2.99 -9.92 4.56
C THR A 68 2.82 -9.66 3.09
N GLY A 69 1.58 -9.38 2.69
CA GLY A 69 1.30 -8.95 1.33
C GLY A 69 1.34 -9.99 0.24
N ASP A 70 1.34 -11.28 0.59
CA ASP A 70 1.41 -12.34 -0.40
C ASP A 70 0.25 -12.22 -1.38
N CYS A 71 0.54 -12.34 -2.67
CA CYS A 71 -0.50 -12.30 -3.70
C CYS A 71 -0.61 -13.66 -4.38
N GLY A 72 -1.27 -14.60 -3.72
CA GLY A 72 -1.46 -15.91 -4.32
C GLY A 72 -0.16 -16.65 -4.57
N GLY A 73 0.85 -16.35 -3.77
CA GLY A 73 2.14 -17.02 -3.88
C GLY A 73 2.99 -16.65 -5.11
N LEU A 74 2.66 -15.57 -5.81
CA LEU A 74 3.42 -15.22 -7.01
C LEU A 74 4.43 -14.11 -6.74
N LEU A 75 5.60 -14.21 -7.35
CA LEU A 75 6.54 -13.08 -7.34
C LEU A 75 5.90 -11.92 -8.12
N ARG A 76 5.33 -12.25 -9.27
CA ARG A 76 4.75 -11.25 -10.15
CA ARG A 76 4.75 -11.25 -10.15
C ARG A 76 3.24 -11.17 -9.91
N CYS A 77 2.84 -10.25 -9.04
CA CYS A 77 1.45 -10.20 -8.61
C CYS A 77 0.48 -9.83 -9.69
N LYS A 78 -0.62 -10.57 -9.74
CA LYS A 78 -1.77 -10.29 -10.59
CA LYS A 78 -1.73 -10.21 -10.59
C LYS A 78 -2.93 -9.81 -9.74
N ARG A 79 -2.95 -10.24 -8.48
CA ARG A 79 -4.05 -9.93 -7.56
CA ARG A 79 -4.04 -9.94 -7.56
C ARG A 79 -3.51 -9.07 -6.42
N PHE A 80 -4.41 -8.62 -5.55
CA PHE A 80 -4.00 -7.84 -4.39
C PHE A 80 -3.38 -8.72 -3.29
N GLY A 81 -2.71 -8.08 -2.34
CA GLY A 81 -1.94 -8.80 -1.35
C GLY A 81 -2.65 -9.06 -0.04
N ARG A 82 -2.23 -10.12 0.63
CA ARG A 82 -2.81 -10.49 1.92
C ARG A 82 -2.43 -9.46 2.99
N PRO A 83 -3.42 -8.95 3.74
CA PRO A 83 -3.08 -8.03 4.84
C PRO A 83 -2.18 -8.71 5.89
N PRO A 84 -1.38 -7.93 6.63
CA PRO A 84 -1.35 -6.47 6.64
C PRO A 84 -0.47 -5.88 5.55
N THR A 85 -0.97 -4.86 4.89
CA THR A 85 -0.25 -4.18 3.82
C THR A 85 -0.49 -2.69 3.83
N THR A 86 0.53 -1.88 4.04
CA THR A 86 0.39 -0.43 3.81
C THR A 86 0.19 -0.25 2.30
N LEU A 87 -0.77 0.57 1.87
CA LEU A 87 -1.11 0.64 0.46
C LEU A 87 -0.91 2.03 -0.14
N ALA A 88 -0.15 2.09 -1.24
CA ALA A 88 -0.13 3.27 -2.10
C ALA A 88 -1.21 3.05 -3.16
N GLU A 89 -2.21 3.93 -3.22
CA GLU A 89 -3.38 3.71 -4.08
C GLU A 89 -3.51 4.84 -5.07
N PHE A 90 -3.93 4.52 -6.30
CA PHE A 90 -3.96 5.56 -7.33
C PHE A 90 -4.97 5.23 -8.41
N SER A 91 -5.59 6.26 -8.96
CA SER A 91 -6.38 6.16 -10.17
C SER A 91 -5.94 7.30 -11.06
N LEU A 92 -5.56 6.96 -12.28
CA LEU A 92 -4.88 7.90 -13.18
C LEU A 92 -5.81 8.33 -14.32
N ASN A 93 -5.67 9.57 -14.75
CA ASN A 93 -6.42 10.08 -15.92
C ASN A 93 -7.92 9.86 -15.75
N GLN A 94 -8.43 10.30 -14.62
CA GLN A 94 -9.86 10.25 -14.32
C GLN A 94 -10.40 11.64 -14.58
N TYR A 95 -11.00 11.82 -15.76
CA TYR A 95 -11.52 13.12 -16.20
C TYR A 95 -10.47 14.22 -16.05
N GLY A 96 -9.25 13.92 -16.47
CA GLY A 96 -8.22 14.94 -16.58
C GLY A 96 -7.28 15.07 -15.40
N LYS A 97 -7.54 14.32 -14.31
CA LYS A 97 -6.69 14.39 -13.12
C LYS A 97 -6.30 13.00 -12.63
N ASP A 98 -5.24 12.97 -11.83
CA ASP A 98 -4.86 11.74 -11.11
C ASP A 98 -5.23 11.88 -9.65
N TYR A 99 -5.46 10.75 -8.99
CA TYR A 99 -5.85 10.76 -7.57
C TYR A 99 -4.99 9.76 -6.83
N ILE A 100 -4.34 10.20 -5.76
CA ILE A 100 -3.44 9.32 -4.99
C ILE A 100 -3.75 9.38 -3.51
N ASP A 101 -3.47 8.27 -2.82
CA ASP A 101 -3.58 8.26 -1.35
C ASP A 101 -2.73 7.14 -0.79
N ILE A 102 -2.54 7.17 0.53
CA ILE A 102 -2.07 6.01 1.26
C ILE A 102 -3.20 5.52 2.16
N SER A 103 -3.31 4.21 2.28
CA SER A 103 -4.35 3.61 3.09
C SER A 103 -3.80 2.58 4.07
N ASN A 104 -4.36 2.61 5.30
CA ASN A 104 -4.16 1.62 6.34
C ASN A 104 -5.41 0.75 6.52
N ILE A 105 -6.35 0.81 5.57
CA ILE A 105 -7.60 0.05 5.70
C ILE A 105 -7.35 -1.46 5.71
N LYS A 106 -6.26 -1.89 5.05
CA LYS A 106 -5.82 -3.27 5.01
C LYS A 106 -4.60 -3.47 5.90
N GLY A 107 -4.46 -2.64 6.93
CA GLY A 107 -3.37 -2.77 7.87
C GLY A 107 -2.09 -2.10 7.40
N PHE A 108 -1.02 -2.33 8.15
CA PHE A 108 0.26 -1.67 7.92
C PHE A 108 1.35 -2.71 8.09
N ASN A 109 2.29 -2.73 7.16
CA ASN A 109 3.48 -3.58 7.28
C ASN A 109 4.79 -2.79 7.24
N VAL A 110 4.91 -1.88 6.28
CA VAL A 110 6.14 -1.15 5.99
C VAL A 110 5.77 0.32 5.83
N PRO A 111 6.57 1.23 6.41
CA PRO A 111 6.29 2.67 6.24
C PRO A 111 6.52 3.11 4.80
N MET A 112 5.80 4.13 4.35
CA MET A 112 5.90 4.54 2.96
C MET A 112 5.63 6.02 2.76
N ASN A 113 6.31 6.56 1.74
CA ASN A 113 6.01 7.87 1.19
C ASN A 113 5.57 7.66 -0.25
N PHE A 114 4.54 8.38 -0.68
CA PHE A 114 4.03 8.28 -2.05
C PHE A 114 3.89 9.71 -2.56
N SER A 115 4.80 10.10 -3.45
CA SER A 115 4.92 11.51 -3.87
C SER A 115 5.00 11.62 -5.38
N PRO A 116 4.49 12.72 -5.94
CA PRO A 116 4.69 12.98 -7.36
C PRO A 116 6.17 13.34 -7.62
N THR A 117 6.69 12.99 -8.79
CA THR A 117 8.01 13.43 -9.19
C THR A 117 7.90 14.56 -10.22
N THR A 118 6.67 14.96 -10.53
CA THR A 118 6.36 16.03 -11.47
C THR A 118 5.53 17.08 -10.72
N ARG A 119 5.29 18.23 -11.35
CA ARG A 119 4.77 19.38 -10.62
C ARG A 119 3.27 19.35 -10.34
N GLY A 120 2.81 20.13 -9.37
CA GLY A 120 1.40 20.38 -9.27
C GLY A 120 0.60 19.81 -8.12
N CYS A 121 1.24 19.09 -7.20
CA CYS A 121 0.55 18.51 -6.05
C CYS A 121 1.55 18.02 -5.00
N ARG A 122 1.06 17.75 -3.81
CA ARG A 122 1.87 17.28 -2.69
CA ARG A 122 1.93 17.28 -2.75
C ARG A 122 1.92 15.75 -2.67
N GLY A 123 2.85 15.21 -1.92
CA GLY A 123 2.83 13.78 -1.62
C GLY A 123 2.15 13.51 -0.30
N VAL A 124 2.03 12.22 0.00
CA VAL A 124 1.48 11.75 1.27
C VAL A 124 2.44 10.75 1.88
N ARG A 125 2.38 10.60 3.21
CA ARG A 125 3.35 9.77 3.89
C ARG A 125 2.72 9.11 5.10
N CYS A 126 3.06 7.84 5.33
CA CYS A 126 2.73 7.17 6.58
C CYS A 126 3.98 6.46 7.02
N ALA A 127 4.75 7.12 7.89
CA ALA A 127 6.07 6.62 8.22
C ALA A 127 6.30 6.40 9.70
N ALA A 128 5.26 6.52 10.51
CA ALA A 128 5.38 6.28 11.94
C ALA A 128 5.57 4.79 12.24
N ASP A 129 6.00 4.48 13.46
CA ASP A 129 6.28 3.09 13.85
C ASP A 129 4.99 2.37 14.26
N ILE A 130 4.13 2.15 13.28
CA ILE A 130 2.86 1.52 13.54
C ILE A 130 3.04 0.08 14.01
N VAL A 131 4.02 -0.66 13.49
CA VAL A 131 4.16 -2.04 13.94
C VAL A 131 4.60 -2.06 15.40
N GLY A 132 5.57 -1.22 15.76
CA GLY A 132 6.04 -1.19 17.14
C GLY A 132 4.97 -0.78 18.13
N GLN A 133 4.08 0.13 17.74
CA GLN A 133 3.07 0.67 18.65
C GLN A 133 1.72 -0.04 18.54
N CYS A 134 1.62 -1.02 17.64
CA CYS A 134 0.38 -1.73 17.32
C CYS A 134 -0.36 -2.24 18.56
N PRO A 135 -1.67 -1.97 18.66
CA PRO A 135 -2.47 -2.58 19.75
C PRO A 135 -2.31 -4.10 19.76
N ALA A 136 -2.22 -4.68 20.96
CA ALA A 136 -1.98 -6.10 21.09
C ALA A 136 -2.91 -6.95 20.24
N LYS A 137 -4.19 -6.61 20.21
CA LYS A 137 -5.16 -7.44 19.50
C LYS A 137 -5.02 -7.37 17.98
N LEU A 138 -4.32 -6.35 17.48
CA LEU A 138 -4.13 -6.17 16.04
C LEU A 138 -2.79 -6.72 15.55
N LYS A 139 -1.89 -7.10 16.45
CA LYS A 139 -0.57 -7.56 16.01
C LYS A 139 -0.72 -8.82 15.17
N ALA A 140 -0.07 -8.86 14.02
CA ALA A 140 -0.14 -10.07 13.21
C ALA A 140 1.06 -10.94 13.57
N PRO A 141 0.83 -12.22 13.98
CA PRO A 141 1.97 -13.06 14.37
C PRO A 141 2.93 -13.29 13.20
N GLY A 142 2.43 -13.21 11.98
CA GLY A 142 3.27 -13.35 10.81
C GLY A 142 4.05 -12.09 10.47
N GLY A 143 3.78 -10.99 11.20
CA GLY A 143 4.43 -9.71 10.96
C GLY A 143 3.42 -8.60 10.62
N GLY A 144 3.66 -7.37 11.09
CA GLY A 144 2.78 -6.24 10.77
C GLY A 144 1.67 -5.98 11.77
N CYS A 145 0.79 -5.02 11.43
CA CYS A 145 -0.31 -4.58 12.29
C CYS A 145 -1.59 -4.67 11.44
N ASN A 146 -2.46 -5.64 11.77
CA ASN A 146 -3.70 -5.83 11.04
C ASN A 146 -4.68 -4.70 11.26
N ASP A 147 -5.49 -4.45 10.25
CA ASP A 147 -6.71 -3.66 10.46
C ASP A 147 -7.75 -4.48 11.23
N ALA A 148 -8.70 -3.76 11.84
CA ALA A 148 -9.72 -4.42 12.67
C ALA A 148 -10.68 -5.27 11.87
N CYS A 149 -10.94 -4.92 10.62
CA CYS A 149 -11.80 -5.76 9.78
C CYS A 149 -11.20 -7.15 9.58
N THR A 150 -9.93 -7.19 9.22
CA THR A 150 -9.21 -8.45 9.06
C THR A 150 -9.29 -9.30 10.33
N VAL A 151 -9.12 -8.69 11.48
CA VAL A 151 -9.11 -9.44 12.72
C VAL A 151 -10.49 -9.90 13.18
N PHE A 152 -11.49 -9.02 13.11
CA PHE A 152 -12.77 -9.26 13.77
C PHE A 152 -13.96 -9.54 12.85
N GLN A 153 -13.86 -9.12 11.58
CA GLN A 153 -14.89 -9.46 10.58
C GLN A 153 -16.30 -9.02 11.00
N THR A 154 -16.43 -7.77 11.42
CA THR A 154 -17.74 -7.21 11.75
C THR A 154 -18.17 -6.20 10.72
N SER A 155 -19.47 -5.98 10.61
CA SER A 155 -19.98 -4.96 9.70
C SER A 155 -19.43 -3.60 10.06
N GLU A 156 -19.25 -3.33 11.35
CA GLU A 156 -18.77 -2.01 11.78
C GLU A 156 -17.33 -1.76 11.31
N TYR A 157 -16.44 -2.74 11.46
CA TYR A 157 -15.05 -2.54 11.05
C TYR A 157 -14.87 -2.62 9.55
N CYS A 158 -15.69 -3.44 8.90
CA CYS A 158 -15.55 -3.67 7.47
C CYS A 158 -16.38 -2.71 6.63
N CYS A 159 -17.23 -1.92 7.29
CA CYS A 159 -18.13 -0.95 6.65
C CYS A 159 -18.97 -1.60 5.58
N THR A 160 -19.44 -2.79 5.89
CA THR A 160 -20.10 -3.67 4.95
C THR A 160 -21.30 -3.01 4.28
N THR A 161 -22.08 -2.25 5.04
CA THR A 161 -23.29 -1.67 4.49
C THR A 161 -23.13 -0.24 4.01
N GLY A 162 -21.92 0.28 4.10
CA GLY A 162 -21.68 1.67 3.71
C GLY A 162 -21.95 2.64 4.84
N LYS A 163 -22.29 2.09 6.01
CA LYS A 163 -22.50 2.89 7.20
C LYS A 163 -21.61 2.31 8.28
N CYS A 164 -20.73 3.15 8.82
CA CYS A 164 -19.85 2.79 9.92
C CYS A 164 -19.24 4.08 10.42
N GLY A 165 -18.73 4.04 11.64
CA GLY A 165 -18.01 5.18 12.17
C GLY A 165 -16.57 4.83 12.49
N PRO A 166 -15.80 5.82 12.96
CA PRO A 166 -14.46 5.51 13.48
C PRO A 166 -14.56 4.62 14.71
N THR A 167 -13.46 3.96 15.04
CA THR A 167 -13.45 2.98 16.12
C THR A 167 -12.17 3.18 16.93
N GLU A 168 -12.06 2.54 18.09
CA GLU A 168 -10.82 2.64 18.82
C GLU A 168 -9.62 2.20 17.96
N TYR A 169 -9.81 1.14 17.17
CA TYR A 169 -8.74 0.66 16.32
C TYR A 169 -8.44 1.62 15.18
N SER A 170 -9.46 2.15 14.49
CA SER A 170 -9.17 3.08 13.39
C SER A 170 -8.45 4.31 13.91
N ARG A 171 -8.85 4.77 15.11
CA ARG A 171 -8.23 5.97 15.69
C ARG A 171 -6.75 5.77 15.99
N PHE A 172 -6.34 4.54 16.28
CA PHE A 172 -4.92 4.25 16.44
C PHE A 172 -4.16 4.52 15.13
N PHE A 173 -4.64 3.96 14.02
CA PHE A 173 -3.97 4.21 12.76
C PHE A 173 -3.98 5.70 12.43
N LYS A 174 -5.08 6.39 12.74
CA LYS A 174 -5.22 7.78 12.38
C LYS A 174 -4.31 8.68 13.23
N ARG A 175 -4.11 8.31 14.50
CA ARG A 175 -3.22 9.05 15.38
C ARG A 175 -1.78 8.92 14.90
N LEU A 176 -1.37 7.70 14.56
CA LEU A 176 0.01 7.49 14.10
C LEU A 176 0.23 8.08 12.71
N CYS A 177 -0.79 7.99 11.85
CA CYS A 177 -0.68 8.47 10.45
C CYS A 177 -1.93 9.24 10.05
N PRO A 178 -1.95 10.53 10.35
CA PRO A 178 -3.13 11.33 10.02
C PRO A 178 -3.41 11.42 8.52
N ASP A 179 -2.38 11.24 7.69
CA ASP A 179 -2.53 11.47 6.27
CA ASP A 179 -2.46 11.46 6.26
C ASP A 179 -2.82 10.20 5.46
N ALA A 180 -3.23 9.13 6.15
CA ALA A 180 -3.63 7.90 5.48
C ALA A 180 -5.05 7.54 5.90
N PHE A 181 -5.79 6.85 5.03
CA PHE A 181 -7.12 6.36 5.39
C PHE A 181 -7.01 5.34 6.52
N SER A 182 -7.83 5.54 7.55
CA SER A 182 -7.81 4.63 8.70
C SER A 182 -8.99 3.66 8.76
N TYR A 183 -10.04 3.97 8.02
CA TYR A 183 -11.21 3.11 7.88
C TYR A 183 -11.92 3.52 6.60
N VAL A 184 -12.90 2.76 6.17
CA VAL A 184 -13.47 2.95 4.83
C VAL A 184 -14.07 4.34 4.65
N LEU A 185 -14.77 4.84 5.68
CA LEU A 185 -15.44 6.13 5.58
C LEU A 185 -14.68 7.29 6.22
N ASP A 186 -13.36 7.13 6.36
CA ASP A 186 -12.56 8.19 6.91
C ASP A 186 -12.68 9.45 6.06
N LYS A 187 -12.57 10.62 6.68
CA LYS A 187 -12.49 11.86 5.92
C LYS A 187 -11.33 11.70 4.92
N PRO A 188 -11.61 11.89 3.61
CA PRO A 188 -10.58 11.51 2.63
C PRO A 188 -9.29 12.31 2.74
N THR A 189 -8.18 11.61 2.50
CA THR A 189 -6.87 12.23 2.42
C THR A 189 -6.29 12.02 1.02
N THR A 190 -7.17 11.91 0.04
CA THR A 190 -6.78 11.77 -1.36
C THR A 190 -6.28 13.08 -1.89
N VAL A 191 -5.16 13.03 -2.62
CA VAL A 191 -4.58 14.21 -3.24
C VAL A 191 -4.90 14.19 -4.73
N THR A 192 -5.32 15.34 -5.26
CA THR A 192 -5.56 15.50 -6.68
C THR A 192 -4.28 16.01 -7.35
N CYS A 193 -3.79 15.27 -8.34
CA CYS A 193 -2.59 15.66 -9.09
C CYS A 193 -2.97 15.89 -10.55
N PRO A 194 -2.13 16.64 -11.28
CA PRO A 194 -2.38 16.80 -12.72
C PRO A 194 -2.51 15.43 -13.38
N GLY A 195 -3.39 15.31 -14.38
CA GLY A 195 -3.44 14.07 -15.13
C GLY A 195 -2.07 13.73 -15.71
N SER A 196 -1.74 12.45 -15.72
CA SER A 196 -0.46 11.98 -16.27
C SER A 196 0.77 12.45 -15.50
N SER A 197 0.62 12.63 -14.18
CA SER A 197 1.79 12.83 -13.34
C SER A 197 2.63 11.55 -13.25
N ASN A 198 3.87 11.70 -12.80
CA ASN A 198 4.71 10.55 -12.48
C ASN A 198 5.02 10.58 -10.99
N TYR A 199 5.45 9.44 -10.44
CA TYR A 199 5.48 9.26 -8.98
C TYR A 199 6.67 8.49 -8.51
N ARG A 200 6.92 8.59 -7.21
CA ARG A 200 7.90 7.76 -6.51
C ARG A 200 7.25 7.20 -5.25
N VAL A 201 7.37 5.90 -5.06
CA VAL A 201 6.95 5.26 -3.83
C VAL A 201 8.22 4.85 -3.08
N THR A 202 8.42 5.37 -1.88
CA THR A 202 9.63 5.09 -1.10
C THR A 202 9.26 4.32 0.16
N PHE A 203 9.76 3.11 0.29
CA PHE A 203 9.60 2.34 1.52
C PHE A 203 10.61 2.82 2.55
N CYS A 204 10.18 2.95 3.80
CA CYS A 204 11.03 3.45 4.89
C CYS A 204 11.65 4.81 4.58
N PRO A 205 10.81 5.82 4.30
CA PRO A 205 11.34 7.12 3.88
C PRO A 205 12.18 7.81 4.96
N THR A 206 11.93 7.53 6.22
CA THR A 206 12.67 8.15 7.31
C THR A 206 13.55 7.13 8.04
N ALA A 207 13.33 5.86 7.72
CA ALA A 207 14.01 4.73 8.36
C ALA A 207 14.99 4.04 7.40
O2 HM6 B . -8.14 -14.21 -7.00
C1 HM6 B . -8.05 -15.32 -7.58
O1 HM6 B . -7.36 -15.42 -8.63
C2 HM6 B . -8.74 -16.52 -7.00
N1 HM6 B . -9.32 -16.37 -5.81
C3 HM6 B . -8.74 -17.71 -7.70
C4 HM6 B . -9.42 -18.77 -7.06
C5 HM6 B . -10.01 -18.60 -5.82
C6 HM6 B . -9.95 -17.37 -5.20
C7 HM6 B . -10.59 -17.16 -3.87
O4 HM6 B . -11.16 -18.12 -3.28
O3 HM6 B . -10.56 -16.04 -3.33
N2 HM6 B . -9.52 -20.07 -7.65
C8 HM6 B . -9.47 -20.41 -8.98
C9 HM6 B . -9.62 -21.70 -9.05
C10 HM6 B . -9.62 -22.53 -10.29
O5 HM6 B . -8.64 -23.49 -10.45
N4 HM6 B . -9.76 -22.22 -7.71
N3 HM6 B . -9.69 -21.21 -6.89
O2 HM6 C . -11.27 -14.12 -6.25
C1 HM6 C . -11.64 -13.05 -6.79
O1 HM6 C . -12.74 -13.01 -7.42
C2 HM6 C . -10.79 -11.84 -6.68
N1 HM6 C . -9.75 -11.88 -5.86
C3 HM6 C . -11.09 -10.73 -7.45
C4 HM6 C . -10.25 -9.62 -7.30
C5 HM6 C . -9.16 -9.68 -6.42
C6 HM6 C . -8.94 -10.84 -5.70
C7 HM6 C . -7.80 -10.98 -4.74
O4 HM6 C . -6.99 -10.03 -4.56
O3 HM6 C . -7.65 -12.07 -4.14
N2 HM6 C . -10.50 -8.44 -8.06
C8 HM6 C . -9.98 -7.19 -7.84
C9 HM6 C . -10.46 -6.39 -8.75
C10 HM6 C . -10.14 -4.93 -8.89
O5 HM6 C . -10.23 -4.09 -7.80
N4 HM6 C . -11.31 -7.16 -9.61
N3 HM6 C . -11.33 -8.38 -9.17
O2 HM6 D . -5.47 -15.94 -2.48
C1 HM6 D . -6.61 -15.47 -2.76
O1 HM6 D . -7.04 -15.58 -3.94
C2 HM6 D . -7.42 -14.80 -1.71
N1 HM6 D . -8.48 -14.09 -2.07
C3 HM6 D . -7.03 -14.92 -0.39
C4 HM6 D . -7.83 -14.26 0.55
C5 HM6 D . -8.95 -13.52 0.15
C6 HM6 D . -9.26 -13.45 -1.21
C7 HM6 D . -10.43 -12.68 -1.70
O4 HM6 D . -11.21 -12.11 -0.88
O3 HM6 D . -10.67 -12.60 -2.93
N2 HM6 D . -7.49 -14.33 1.94
C8 HM6 D . -6.88 -13.32 2.64
C9 HM6 D . -6.73 -13.74 3.86
C10 HM6 D . -6.10 -12.95 4.97
O5 HM6 D . -6.75 -11.86 5.48
N4 HM6 D . -7.26 -15.08 3.94
N3 HM6 D . -7.71 -15.41 2.78
EU EU3 E . -9.24 -14.22 -4.60
#